data_2LCV
#
_entry.id   2LCV
#
_entity_poly.entity_id   1
_entity_poly.type   'polypeptide(L)'
_entity_poly.pdbx_seq_one_letter_code
;MKAKKQETAATMKDVALKAKVSTATVSRALMNPDKVSQATRNRVEKAAREVGYLPQPMGRNVKRNES
;
_entity_poly.pdbx_strand_id   A
#
# COMPACT_ATOMS: atom_id res chain seq x y z
N ALA A 9 -16.30 -0.85 4.28
CA ALA A 9 -15.28 -0.74 3.19
C ALA A 9 -13.91 -0.53 3.80
N ALA A 10 -12.91 -1.22 3.26
CA ALA A 10 -11.54 -1.10 3.76
C ALA A 10 -10.86 0.11 3.13
N THR A 11 -9.62 0.36 3.55
CA THR A 11 -8.86 1.49 3.02
C THR A 11 -7.40 1.10 2.80
N MET A 12 -6.79 1.65 1.77
CA MET A 12 -5.40 1.36 1.45
C MET A 12 -4.53 1.54 2.69
N LYS A 13 -4.89 2.50 3.53
CA LYS A 13 -4.13 2.76 4.74
C LYS A 13 -4.21 1.57 5.69
N ASP A 14 -5.40 1.03 5.85
CA ASP A 14 -5.60 -0.09 6.74
C ASP A 14 -4.73 -1.26 6.32
N VAL A 15 -4.60 -1.44 5.02
CA VAL A 15 -3.80 -2.54 4.48
C VAL A 15 -2.35 -2.42 4.97
N ALA A 16 -1.83 -1.20 4.95
CA ALA A 16 -0.46 -0.97 5.39
C ALA A 16 -0.23 -1.58 6.76
N LEU A 17 -1.21 -1.42 7.64
CA LEU A 17 -1.10 -1.97 8.98
C LEU A 17 -0.98 -3.49 8.93
N LYS A 18 -1.80 -4.10 8.10
CA LYS A 18 -1.80 -5.55 7.96
C LYS A 18 -0.45 -6.05 7.46
N ALA A 19 0.12 -5.33 6.49
CA ALA A 19 1.42 -5.68 5.92
C ALA A 19 2.53 -4.90 6.61
N LYS A 20 2.17 -4.13 7.63
CA LYS A 20 3.15 -3.33 8.36
C LYS A 20 4.12 -2.64 7.40
N VAL A 21 3.57 -2.09 6.33
CA VAL A 21 4.40 -1.42 5.33
C VAL A 21 4.98 -0.14 5.90
N SER A 22 4.15 0.90 5.97
CA SER A 22 4.60 2.18 6.50
C SER A 22 3.58 3.27 6.20
N THR A 23 3.35 4.13 7.18
CA THR A 23 2.39 5.23 7.03
C THR A 23 2.90 6.24 6.01
N ALA A 24 4.22 6.33 5.87
CA ALA A 24 4.81 7.27 4.91
C ALA A 24 4.75 6.71 3.49
N THR A 25 4.99 5.41 3.36
CA THR A 25 5.00 4.77 2.04
C THR A 25 3.67 4.98 1.32
N VAL A 26 2.60 4.43 1.89
CA VAL A 26 1.29 4.55 1.26
C VAL A 26 0.88 6.02 1.18
N SER A 27 1.40 6.83 2.09
CA SER A 27 1.09 8.25 2.09
C SER A 27 1.75 8.97 0.91
N ARG A 28 3.02 8.64 0.67
CA ARG A 28 3.76 9.24 -0.44
C ARG A 28 3.49 8.50 -1.74
N ALA A 29 3.00 7.28 -1.63
CA ALA A 29 2.73 6.47 -2.82
C ALA A 29 1.97 7.28 -3.85
N LEU A 30 0.92 7.97 -3.41
CA LEU A 30 0.11 8.76 -4.31
C LEU A 30 0.85 10.02 -4.74
N MET A 31 2.00 10.26 -4.10
CA MET A 31 2.80 11.45 -4.42
C MET A 31 4.00 11.08 -5.28
N ASN A 32 4.75 10.08 -4.84
CA ASN A 32 5.93 9.64 -5.58
C ASN A 32 6.46 8.31 -5.03
N PRO A 33 5.97 7.20 -5.53
CA PRO A 33 6.41 5.85 -5.07
C PRO A 33 7.93 5.67 -5.21
N ASP A 34 8.58 5.38 -4.09
CA ASP A 34 10.03 5.16 -4.10
C ASP A 34 10.51 4.70 -2.73
N LYS A 35 9.59 4.18 -1.90
CA LYS A 35 9.94 3.72 -0.56
C LYS A 35 9.41 2.30 -0.34
N VAL A 36 8.68 1.78 -1.32
CA VAL A 36 8.11 0.44 -1.20
C VAL A 36 9.08 -0.59 -1.79
N SER A 37 9.40 -1.60 -0.99
CA SER A 37 10.31 -2.65 -1.43
C SER A 37 9.69 -3.46 -2.55
N GLN A 38 10.53 -3.96 -3.45
CA GLN A 38 10.03 -4.74 -4.58
C GLN A 38 9.09 -5.84 -4.10
N ALA A 39 9.51 -6.57 -3.08
CA ALA A 39 8.68 -7.64 -2.54
C ALA A 39 7.38 -7.06 -1.99
N THR A 40 7.50 -6.07 -1.10
CA THR A 40 6.33 -5.45 -0.49
C THR A 40 5.52 -4.71 -1.55
N ARG A 41 6.17 -4.36 -2.64
CA ARG A 41 5.49 -3.66 -3.74
C ARG A 41 4.50 -4.57 -4.43
N ASN A 42 4.90 -5.81 -4.68
CA ASN A 42 4.02 -6.77 -5.33
C ASN A 42 2.87 -7.18 -4.42
N ARG A 43 3.16 -7.35 -3.14
CA ARG A 43 2.15 -7.73 -2.17
C ARG A 43 1.11 -6.64 -2.01
N VAL A 44 1.57 -5.40 -1.96
CA VAL A 44 0.66 -4.28 -1.81
C VAL A 44 -0.27 -4.19 -3.02
N GLU A 45 0.31 -4.28 -4.20
CA GLU A 45 -0.47 -4.19 -5.43
C GLU A 45 -1.63 -5.17 -5.39
N LYS A 46 -1.34 -6.39 -4.96
CA LYS A 46 -2.37 -7.42 -4.87
C LYS A 46 -3.34 -7.11 -3.74
N ALA A 47 -2.81 -6.63 -2.62
CA ALA A 47 -3.63 -6.30 -1.46
C ALA A 47 -4.45 -5.04 -1.73
N ALA A 48 -3.97 -4.21 -2.65
CA ALA A 48 -4.66 -2.97 -2.99
C ALA A 48 -5.96 -3.28 -3.75
N ARG A 49 -5.92 -4.30 -4.60
CA ARG A 49 -7.09 -4.68 -5.37
C ARG A 49 -8.16 -5.29 -4.46
N GLU A 50 -7.71 -6.12 -3.52
CA GLU A 50 -8.64 -6.79 -2.61
C GLU A 50 -9.58 -5.77 -1.96
N VAL A 51 -9.01 -4.66 -1.50
CA VAL A 51 -9.82 -3.63 -0.86
C VAL A 51 -10.61 -2.84 -1.90
N GLY A 52 -10.35 -3.12 -3.17
CA GLY A 52 -11.06 -2.45 -4.26
C GLY A 52 -10.45 -1.09 -4.54
N TYR A 53 -9.69 -0.57 -3.57
CA TYR A 53 -9.05 0.73 -3.73
C TYR A 53 -7.58 0.55 -4.08
N LEU A 54 -7.22 0.98 -5.28
CA LEU A 54 -5.84 0.89 -5.76
C LEU A 54 -5.09 2.19 -5.47
N PRO A 55 -5.77 3.33 -5.53
CA PRO A 55 -5.13 4.65 -5.26
C PRO A 55 -4.44 4.68 -3.90
N ALA A 9 -16.14 -0.59 4.49
CA ALA A 9 -15.19 -0.75 3.35
C ALA A 9 -13.76 -0.66 3.87
N ALA A 10 -12.84 -1.30 3.17
CA ALA A 10 -11.43 -1.29 3.57
C ALA A 10 -10.74 -0.05 3.01
N THR A 11 -9.50 0.18 3.45
CA THR A 11 -8.74 1.33 2.99
C THR A 11 -7.26 0.97 2.83
N MET A 12 -6.60 1.60 1.87
CA MET A 12 -5.19 1.35 1.62
C MET A 12 -4.38 1.51 2.91
N LYS A 13 -4.78 2.48 3.73
CA LYS A 13 -4.08 2.73 4.99
C LYS A 13 -4.20 1.52 5.90
N ASP A 14 -5.40 0.98 6.04
CA ASP A 14 -5.62 -0.19 6.89
C ASP A 14 -4.76 -1.35 6.42
N VAL A 15 -4.65 -1.51 5.11
CA VAL A 15 -3.84 -2.59 4.54
C VAL A 15 -2.40 -2.48 5.03
N ALA A 16 -1.87 -1.27 5.04
CA ALA A 16 -0.49 -1.07 5.49
C ALA A 16 -0.27 -1.68 6.86
N LEU A 17 -1.27 -1.55 7.73
CA LEU A 17 -1.18 -2.11 9.07
C LEU A 17 -1.01 -3.63 9.01
N LYS A 18 -1.80 -4.27 8.14
CA LYS A 18 -1.72 -5.72 8.00
C LYS A 18 -0.37 -6.12 7.42
N ALA A 19 0.11 -5.34 6.45
CA ALA A 19 1.39 -5.64 5.81
C ALA A 19 2.50 -4.84 6.47
N LYS A 20 2.19 -4.20 7.60
CA LYS A 20 3.18 -3.40 8.32
C LYS A 20 4.15 -2.73 7.35
N VAL A 21 3.60 -2.15 6.28
CA VAL A 21 4.43 -1.49 5.28
C VAL A 21 5.07 -0.23 5.87
N SER A 22 4.29 0.83 5.97
CA SER A 22 4.79 2.09 6.51
C SER A 22 3.78 3.21 6.29
N THR A 23 3.52 3.98 7.35
CA THR A 23 2.57 5.08 7.26
C THR A 23 3.07 6.15 6.30
N ALA A 24 4.39 6.27 6.18
CA ALA A 24 4.98 7.26 5.30
C ALA A 24 4.90 6.82 3.84
N THR A 25 5.21 5.54 3.61
CA THR A 25 5.20 5.01 2.25
C THR A 25 3.83 5.22 1.60
N VAL A 26 2.82 4.57 2.15
CA VAL A 26 1.47 4.70 1.60
C VAL A 26 1.03 6.16 1.58
N SER A 27 1.52 6.93 2.53
CA SER A 27 1.16 8.34 2.61
C SER A 27 1.81 9.12 1.49
N ARG A 28 3.07 8.83 1.22
CA ARG A 28 3.81 9.51 0.16
C ARG A 28 3.51 8.88 -1.20
N ALA A 29 3.00 7.65 -1.17
CA ALA A 29 2.69 6.94 -2.41
C ALA A 29 1.88 7.83 -3.35
N LEU A 30 0.83 8.43 -2.82
CA LEU A 30 -0.03 9.30 -3.62
C LEU A 30 0.80 10.40 -4.27
N MET A 31 2.08 10.46 -3.91
CA MET A 31 2.96 11.49 -4.46
C MET A 31 4.16 10.85 -5.16
N ASN A 32 4.68 9.78 -4.56
CA ASN A 32 5.83 9.08 -5.13
C ASN A 32 5.82 7.61 -4.73
N PRO A 33 5.10 6.80 -5.47
CA PRO A 33 5.00 5.34 -5.18
C PRO A 33 6.20 4.56 -5.69
N ASP A 34 7.34 4.75 -5.05
CA ASP A 34 8.56 4.06 -5.44
C ASP A 34 9.48 3.87 -4.24
N LYS A 35 8.93 4.04 -3.04
CA LYS A 35 9.72 3.87 -1.82
C LYS A 35 9.45 2.51 -1.20
N VAL A 36 8.43 1.82 -1.70
CA VAL A 36 8.08 0.50 -1.19
C VAL A 36 9.08 -0.55 -1.68
N SER A 37 9.41 -1.49 -0.81
CA SER A 37 10.35 -2.54 -1.16
C SER A 37 9.81 -3.39 -2.31
N GLN A 38 10.69 -3.87 -3.17
CA GLN A 38 10.28 -4.69 -4.30
C GLN A 38 9.32 -5.78 -3.85
N ALA A 39 9.69 -6.51 -2.81
CA ALA A 39 8.84 -7.57 -2.29
C ALA A 39 7.52 -7.00 -1.80
N THR A 40 7.60 -6.02 -0.91
CA THR A 40 6.40 -5.38 -0.37
C THR A 40 5.63 -4.66 -1.47
N ARG A 41 6.33 -4.32 -2.55
CA ARG A 41 5.72 -3.62 -3.67
C ARG A 41 4.72 -4.52 -4.39
N ASN A 42 5.11 -5.77 -4.58
CA ASN A 42 4.23 -6.73 -5.25
C ASN A 42 3.07 -7.13 -4.33
N ARG A 43 3.37 -7.33 -3.06
CA ARG A 43 2.35 -7.75 -2.10
C ARG A 43 1.26 -6.70 -1.99
N VAL A 44 1.65 -5.44 -1.78
CA VAL A 44 0.69 -4.36 -1.64
C VAL A 44 -0.18 -4.25 -2.89
N GLU A 45 0.45 -4.34 -4.05
CA GLU A 45 -0.28 -4.24 -5.31
C GLU A 45 -1.46 -5.21 -5.31
N LYS A 46 -1.21 -6.45 -4.90
CA LYS A 46 -2.25 -7.45 -4.83
C LYS A 46 -3.26 -7.12 -3.75
N ALA A 47 -2.77 -6.58 -2.64
CA ALA A 47 -3.64 -6.21 -1.52
C ALA A 47 -4.45 -4.96 -1.87
N ALA A 48 -3.96 -4.18 -2.83
CA ALA A 48 -4.64 -2.97 -3.24
C ALA A 48 -5.95 -3.31 -3.96
N ARG A 49 -5.92 -4.37 -4.76
CA ARG A 49 -7.11 -4.80 -5.50
C ARG A 49 -8.14 -5.36 -4.54
N GLU A 50 -7.68 -6.09 -3.53
CA GLU A 50 -8.58 -6.69 -2.55
C GLU A 50 -9.51 -5.64 -1.95
N VAL A 51 -8.94 -4.50 -1.60
CA VAL A 51 -9.73 -3.42 -1.01
C VAL A 51 -10.53 -2.69 -2.09
N GLY A 52 -10.37 -3.13 -3.33
CA GLY A 52 -11.10 -2.52 -4.43
C GLY A 52 -10.82 -1.03 -4.51
N TYR A 53 -9.68 -0.61 -3.98
CA TYR A 53 -9.30 0.80 -4.00
C TYR A 53 -7.81 0.96 -4.23
N LEU A 54 -7.45 1.54 -5.36
CA LEU A 54 -6.04 1.75 -5.69
C LEU A 54 -5.89 2.90 -6.68
N PRO A 55 -4.80 3.62 -6.60
CA PRO A 55 -4.52 4.76 -7.51
C PRO A 55 -4.95 4.47 -8.95
N ALA A 9 -15.66 -2.15 3.19
CA ALA A 9 -14.65 -1.72 2.18
C ALA A 9 -13.35 -1.35 2.87
N ALA A 10 -12.26 -1.99 2.44
CA ALA A 10 -10.95 -1.72 3.04
C ALA A 10 -10.33 -0.49 2.40
N THR A 11 -9.13 -0.13 2.87
CA THR A 11 -8.44 1.04 2.34
C THR A 11 -6.93 0.78 2.28
N MET A 12 -6.28 1.38 1.29
CA MET A 12 -4.84 1.20 1.12
C MET A 12 -4.12 1.49 2.43
N LYS A 13 -4.61 2.47 3.17
CA LYS A 13 -4.00 2.83 4.45
C LYS A 13 -4.10 1.67 5.44
N ASP A 14 -5.26 1.04 5.49
CA ASP A 14 -5.48 -0.08 6.40
C ASP A 14 -4.52 -1.22 6.09
N VAL A 15 -4.24 -1.41 4.81
CA VAL A 15 -3.33 -2.47 4.38
C VAL A 15 -1.95 -2.28 4.99
N ALA A 16 -1.46 -1.04 4.97
CA ALA A 16 -0.15 -0.74 5.54
C ALA A 16 -0.04 -1.28 6.96
N LEU A 17 -1.10 -1.11 7.74
CA LEU A 17 -1.11 -1.59 9.11
C LEU A 17 -1.00 -3.11 9.14
N LYS A 18 -1.74 -3.77 8.26
CA LYS A 18 -1.71 -5.23 8.18
C LYS A 18 -0.33 -5.72 7.76
N ALA A 19 0.29 -5.02 6.82
CA ALA A 19 1.60 -5.38 6.34
C ALA A 19 2.69 -4.68 7.13
N LYS A 20 2.28 -3.90 8.13
CA LYS A 20 3.23 -3.17 8.96
C LYS A 20 4.31 -2.52 8.10
N VAL A 21 3.90 -1.95 6.97
CA VAL A 21 4.84 -1.30 6.07
C VAL A 21 5.40 -0.03 6.70
N SER A 22 4.59 1.02 6.73
CA SER A 22 5.02 2.29 7.32
C SER A 22 4.05 3.41 6.95
N THR A 23 3.74 4.26 7.91
CA THR A 23 2.82 5.37 7.68
C THR A 23 3.39 6.33 6.65
N ALA A 24 4.72 6.39 6.58
CA ALA A 24 5.38 7.28 5.63
C ALA A 24 5.37 6.69 4.23
N THR A 25 5.60 5.38 4.14
CA THR A 25 5.62 4.71 2.84
C THR A 25 4.30 4.92 2.12
N VAL A 26 3.22 4.37 2.68
CA VAL A 26 1.91 4.49 2.06
C VAL A 26 1.57 5.96 1.80
N SER A 27 2.10 6.84 2.65
CA SER A 27 1.85 8.27 2.49
C SER A 27 2.54 8.81 1.24
N ARG A 28 3.75 8.33 0.99
CA ARG A 28 4.50 8.76 -0.19
C ARG A 28 3.82 8.28 -1.47
N ALA A 29 3.24 7.08 -1.41
CA ALA A 29 2.58 6.51 -2.57
C ALA A 29 1.67 7.54 -3.23
N LEU A 30 1.31 8.58 -2.47
CA LEU A 30 0.45 9.63 -2.99
C LEU A 30 1.27 10.78 -3.55
N MET A 31 2.47 10.97 -3.01
CA MET A 31 3.35 12.04 -3.46
C MET A 31 4.34 11.53 -4.50
N ASN A 32 4.89 10.35 -4.23
CA ASN A 32 5.87 9.75 -5.15
C ASN A 32 5.58 8.26 -5.33
N PRO A 33 6.07 7.69 -6.41
CA PRO A 33 5.88 6.25 -6.71
C PRO A 33 6.06 5.38 -5.47
N ASP A 34 5.51 4.17 -5.52
CA ASP A 34 5.62 3.25 -4.39
C ASP A 34 7.00 2.59 -4.36
N LYS A 35 8.01 3.37 -4.00
CA LYS A 35 9.37 2.86 -3.93
C LYS A 35 9.54 1.92 -2.74
N VAL A 36 8.45 1.25 -2.36
CA VAL A 36 8.48 0.32 -1.24
C VAL A 36 9.40 -0.86 -1.55
N SER A 37 9.57 -1.74 -0.57
CA SER A 37 10.44 -2.90 -0.76
C SER A 37 9.88 -3.83 -1.84
N GLN A 38 10.79 -4.47 -2.57
CA GLN A 38 10.38 -5.38 -3.63
C GLN A 38 9.30 -6.34 -3.14
N ALA A 39 9.54 -6.93 -1.96
CA ALA A 39 8.57 -7.85 -1.38
C ALA A 39 7.25 -7.14 -1.09
N THR A 40 7.32 -6.05 -0.35
CA THR A 40 6.12 -5.29 -0.01
C THR A 40 5.49 -4.71 -1.27
N ARG A 41 6.31 -4.53 -2.31
CA ARG A 41 5.83 -3.97 -3.57
C ARG A 41 4.83 -4.93 -4.23
N ASN A 42 5.17 -6.21 -4.26
CA ASN A 42 4.30 -7.20 -4.86
C ASN A 42 3.04 -7.39 -4.02
N ARG A 43 3.20 -7.39 -2.70
CA ARG A 43 2.06 -7.57 -1.80
C ARG A 43 1.08 -6.41 -1.95
N VAL A 44 1.62 -5.19 -2.01
CA VAL A 44 0.78 -4.01 -2.14
C VAL A 44 -0.02 -4.06 -3.44
N GLU A 45 0.69 -4.34 -4.53
CA GLU A 45 0.04 -4.41 -5.84
C GLU A 45 -1.17 -5.33 -5.78
N LYS A 46 -0.97 -6.52 -5.24
CA LYS A 46 -2.06 -7.49 -5.14
C LYS A 46 -3.08 -7.05 -4.10
N ALA A 47 -2.57 -6.52 -2.99
CA ALA A 47 -3.44 -6.07 -1.91
C ALA A 47 -4.33 -4.93 -2.37
N ALA A 48 -3.87 -4.20 -3.38
CA ALA A 48 -4.63 -3.08 -3.92
C ALA A 48 -5.94 -3.55 -4.54
N ARG A 49 -5.88 -4.68 -5.26
CA ARG A 49 -7.07 -5.23 -5.89
C ARG A 49 -8.01 -5.82 -4.85
N GLU A 50 -7.44 -6.42 -3.81
CA GLU A 50 -8.24 -7.04 -2.76
C GLU A 50 -9.13 -5.99 -2.09
N VAL A 51 -8.55 -4.84 -1.78
CA VAL A 51 -9.30 -3.77 -1.13
C VAL A 51 -10.22 -3.08 -2.12
N GLY A 52 -9.94 -3.26 -3.41
CA GLY A 52 -10.75 -2.66 -4.45
C GLY A 52 -10.79 -1.14 -4.29
N TYR A 53 -9.64 -0.55 -3.97
CA TYR A 53 -9.56 0.89 -3.79
C TYR A 53 -9.32 1.59 -5.13
N LEU A 54 -10.00 2.70 -5.34
CA LEU A 54 -9.87 3.45 -6.59
C LEU A 54 -9.31 4.84 -6.32
N PRO A 55 -8.02 4.96 -6.24
CA PRO A 55 -7.34 6.27 -5.98
C PRO A 55 -7.24 7.12 -7.24
N ALA A 9 -15.50 -2.10 1.70
CA ALA A 9 -14.59 -1.04 1.18
C ALA A 9 -13.51 -0.73 2.21
N ALA A 10 -12.35 -1.33 2.03
CA ALA A 10 -11.24 -1.13 2.95
C ALA A 10 -10.26 -0.09 2.41
N THR A 11 -9.99 0.94 3.22
CA THR A 11 -9.06 1.99 2.80
C THR A 11 -7.67 1.43 2.61
N MET A 12 -6.94 1.96 1.62
CA MET A 12 -5.59 1.50 1.34
C MET A 12 -4.70 1.66 2.58
N LYS A 13 -5.04 2.63 3.42
CA LYS A 13 -4.28 2.88 4.63
C LYS A 13 -4.33 1.66 5.56
N ASP A 14 -5.52 1.06 5.66
CA ASP A 14 -5.69 -0.11 6.52
C ASP A 14 -4.82 -1.26 6.04
N VAL A 15 -4.65 -1.37 4.73
CA VAL A 15 -3.84 -2.44 4.15
C VAL A 15 -2.41 -2.35 4.64
N ALA A 16 -1.87 -1.14 4.68
CA ALA A 16 -0.49 -0.94 5.13
C ALA A 16 -0.30 -1.54 6.51
N LEU A 17 -1.29 -1.39 7.38
CA LEU A 17 -1.21 -1.93 8.72
C LEU A 17 -1.10 -3.45 8.68
N LYS A 18 -1.92 -4.07 7.84
CA LYS A 18 -1.91 -5.52 7.72
C LYS A 18 -0.57 -6.01 7.19
N ALA A 19 0.03 -5.23 6.28
CA ALA A 19 1.32 -5.59 5.69
C ALA A 19 2.45 -4.85 6.39
N LYS A 20 2.13 -4.16 7.48
CA LYS A 20 3.14 -3.41 8.23
C LYS A 20 4.10 -2.70 7.27
N VAL A 21 3.54 -2.04 6.25
CA VAL A 21 4.37 -1.35 5.27
C VAL A 21 5.05 -0.14 5.91
N SER A 22 4.29 0.94 6.06
CA SER A 22 4.83 2.15 6.65
C SER A 22 3.87 3.33 6.45
N THR A 23 3.59 4.05 7.53
CA THR A 23 2.69 5.19 7.45
C THR A 23 3.21 6.24 6.50
N ALA A 24 4.54 6.30 6.35
CA ALA A 24 5.16 7.26 5.45
C ALA A 24 5.04 6.81 4.00
N THR A 25 5.26 5.51 3.77
CA THR A 25 5.18 4.97 2.42
C THR A 25 3.83 5.26 1.81
N VAL A 26 2.78 4.68 2.39
CA VAL A 26 1.43 4.87 1.88
C VAL A 26 1.10 6.36 1.79
N SER A 27 1.66 7.14 2.71
CA SER A 27 1.42 8.57 2.72
C SER A 27 2.10 9.27 1.56
N ARG A 28 3.32 8.83 1.27
CA ARG A 28 4.09 9.41 0.16
C ARG A 28 3.76 8.73 -1.15
N ALA A 29 3.21 7.52 -1.07
CA ALA A 29 2.87 6.76 -2.26
C ALA A 29 1.84 7.50 -3.10
N LEU A 30 1.14 8.43 -2.46
CA LEU A 30 0.11 9.19 -3.16
C LEU A 30 0.62 9.68 -4.50
N MET A 31 1.81 10.24 -4.52
CA MET A 31 2.41 10.74 -5.75
C MET A 31 3.74 10.07 -6.02
N ASN A 32 4.71 10.30 -5.13
CA ASN A 32 6.03 9.71 -5.26
C ASN A 32 5.93 8.28 -5.83
N PRO A 33 6.98 7.81 -6.42
CA PRO A 33 7.03 6.44 -7.01
C PRO A 33 6.74 5.36 -5.98
N ASP A 34 7.20 4.14 -6.26
CA ASP A 34 6.99 3.02 -5.35
C ASP A 34 8.25 2.73 -4.55
N LYS A 35 8.56 3.61 -3.60
CA LYS A 35 9.74 3.44 -2.76
C LYS A 35 9.59 2.21 -1.87
N VAL A 36 8.44 1.55 -1.97
CA VAL A 36 8.19 0.37 -1.15
C VAL A 36 9.14 -0.76 -1.53
N SER A 37 9.52 -1.56 -0.54
CA SER A 37 10.44 -2.67 -0.78
C SER A 37 9.90 -3.58 -1.88
N GLN A 38 10.81 -4.10 -2.71
CA GLN A 38 10.40 -4.98 -3.80
C GLN A 38 9.42 -6.03 -3.31
N ALA A 39 9.77 -6.71 -2.23
CA ALA A 39 8.91 -7.74 -1.66
C ALA A 39 7.58 -7.14 -1.22
N THR A 40 7.65 -6.11 -0.38
CA THR A 40 6.45 -5.46 0.11
C THR A 40 5.69 -4.77 -1.03
N ARG A 41 6.41 -4.50 -2.13
CA ARG A 41 5.81 -3.85 -3.27
C ARG A 41 4.83 -4.79 -3.97
N ASN A 42 5.22 -6.05 -4.12
CA ASN A 42 4.37 -7.03 -4.78
C ASN A 42 3.15 -7.34 -3.92
N ARG A 43 3.34 -7.37 -2.61
CA ARG A 43 2.25 -7.65 -1.69
C ARG A 43 1.20 -6.55 -1.75
N VAL A 44 1.66 -5.30 -1.78
CA VAL A 44 0.74 -4.16 -1.84
C VAL A 44 -0.08 -4.22 -3.12
N GLU A 45 0.59 -4.46 -4.24
CA GLU A 45 -0.11 -4.52 -5.53
C GLU A 45 -1.28 -5.48 -5.46
N LYS A 46 -1.03 -6.68 -4.95
CA LYS A 46 -2.08 -7.68 -4.82
C LYS A 46 -3.06 -7.30 -3.73
N ALA A 47 -2.56 -6.73 -2.65
CA ALA A 47 -3.39 -6.31 -1.54
C ALA A 47 -4.26 -5.13 -1.93
N ALA A 48 -3.85 -4.41 -2.96
CA ALA A 48 -4.59 -3.24 -3.43
C ALA A 48 -5.89 -3.68 -4.12
N ARG A 49 -5.80 -4.73 -4.92
CA ARG A 49 -6.96 -5.23 -5.65
C ARG A 49 -7.98 -5.82 -4.67
N GLU A 50 -7.48 -6.55 -3.68
CA GLU A 50 -8.35 -7.17 -2.69
C GLU A 50 -9.29 -6.14 -2.09
N VAL A 51 -8.77 -4.96 -1.78
CA VAL A 51 -9.57 -3.89 -1.20
C VAL A 51 -10.22 -3.06 -2.29
N GLY A 52 -9.93 -3.40 -3.54
CA GLY A 52 -10.49 -2.68 -4.68
C GLY A 52 -10.50 -1.18 -4.43
N TYR A 53 -9.55 -0.72 -3.60
CA TYR A 53 -9.46 0.70 -3.29
C TYR A 53 -8.00 1.14 -3.26
N LEU A 54 -7.63 2.00 -4.18
CA LEU A 54 -6.27 2.51 -4.26
C LEU A 54 -6.18 3.94 -3.72
N PRO A 55 -7.16 4.74 -4.02
CA PRO A 55 -7.21 6.16 -3.58
C PRO A 55 -7.13 6.29 -2.05
N ALA A 9 -15.87 -1.96 3.67
CA ALA A 9 -15.37 -0.59 3.37
C ALA A 9 -13.93 -0.46 3.88
N ALA A 10 -13.00 -1.06 3.16
CA ALA A 10 -11.59 -1.01 3.54
C ALA A 10 -10.88 0.12 2.81
N THR A 11 -9.62 0.37 3.17
CA THR A 11 -8.84 1.43 2.54
C THR A 11 -7.39 0.99 2.35
N MET A 12 -6.77 1.49 1.30
CA MET A 12 -5.39 1.12 1.01
C MET A 12 -4.51 1.39 2.22
N LYS A 13 -4.80 2.47 2.94
CA LYS A 13 -4.03 2.82 4.13
C LYS A 13 -4.18 1.74 5.19
N ASP A 14 -5.40 1.22 5.34
CA ASP A 14 -5.66 0.20 6.33
C ASP A 14 -4.89 -1.08 5.99
N VAL A 15 -4.75 -1.36 4.71
CA VAL A 15 -4.04 -2.55 4.28
C VAL A 15 -2.59 -2.50 4.74
N ALA A 16 -1.96 -1.34 4.59
CA ALA A 16 -0.57 -1.19 4.99
C ALA A 16 -0.37 -1.64 6.42
N LEU A 17 -1.36 -1.38 7.26
CA LEU A 17 -1.28 -1.76 8.66
C LEU A 17 -1.10 -3.28 8.77
N LYS A 18 -1.84 -4.01 7.97
CA LYS A 18 -1.76 -5.47 7.98
C LYS A 18 -0.39 -5.94 7.53
N ALA A 19 0.21 -5.20 6.59
CA ALA A 19 1.53 -5.53 6.07
C ALA A 19 2.61 -4.71 6.78
N LYS A 20 2.19 -3.89 7.74
CA LYS A 20 3.12 -3.06 8.49
C LYS A 20 4.14 -2.41 7.54
N VAL A 21 3.63 -1.79 6.49
CA VAL A 21 4.49 -1.13 5.52
C VAL A 21 5.14 0.10 6.12
N SER A 22 4.39 1.21 6.15
CA SER A 22 4.91 2.45 6.71
C SER A 22 4.00 3.61 6.32
N THR A 23 3.73 4.49 7.28
CA THR A 23 2.89 5.65 7.05
C THR A 23 3.53 6.58 6.03
N ALA A 24 4.86 6.54 5.94
CA ALA A 24 5.57 7.39 4.99
C ALA A 24 5.49 6.82 3.57
N THR A 25 5.62 5.51 3.46
CA THR A 25 5.57 4.84 2.16
C THR A 25 4.27 5.17 1.45
N VAL A 26 3.15 4.74 2.02
CA VAL A 26 1.86 4.98 1.41
C VAL A 26 1.60 6.48 1.27
N SER A 27 2.14 7.25 2.20
CA SER A 27 1.96 8.69 2.14
C SER A 27 2.71 9.30 0.96
N ARG A 28 3.93 8.83 0.74
CA ARG A 28 4.77 9.31 -0.35
C ARG A 28 4.41 8.60 -1.65
N ALA A 29 3.74 7.47 -1.54
CA ALA A 29 3.34 6.70 -2.70
C ALA A 29 2.59 7.56 -3.70
N LEU A 30 2.11 8.71 -3.24
CA LEU A 30 1.36 9.62 -4.11
C LEU A 30 2.29 10.61 -4.81
N MET A 31 3.56 10.61 -4.39
CA MET A 31 4.55 11.51 -4.98
C MET A 31 5.74 10.73 -5.55
N ASN A 32 6.14 9.68 -4.85
CA ASN A 32 7.26 8.86 -5.30
C ASN A 32 7.14 7.44 -4.76
N PRO A 33 6.39 6.58 -5.43
CA PRO A 33 6.19 5.17 -4.99
C PRO A 33 7.37 4.27 -5.37
N ASP A 34 8.47 4.43 -4.65
CA ASP A 34 9.67 3.62 -4.90
C ASP A 34 10.41 3.33 -3.60
N LYS A 35 9.79 3.67 -2.47
CA LYS A 35 10.40 3.43 -1.17
C LYS A 35 10.04 2.06 -0.63
N VAL A 36 8.89 1.54 -1.08
CA VAL A 36 8.44 0.23 -0.64
C VAL A 36 9.39 -0.85 -1.12
N SER A 37 9.64 -1.83 -0.26
CA SER A 37 10.54 -2.92 -0.59
C SER A 37 9.99 -3.74 -1.76
N GLN A 38 10.88 -4.25 -2.58
CA GLN A 38 10.47 -5.04 -3.74
C GLN A 38 9.46 -6.10 -3.33
N ALA A 39 9.73 -6.78 -2.21
CA ALA A 39 8.83 -7.83 -1.74
C ALA A 39 7.51 -7.21 -1.31
N THR A 40 7.57 -6.21 -0.43
CA THR A 40 6.37 -5.56 0.05
C THR A 40 5.66 -4.83 -1.09
N ARG A 41 6.42 -4.52 -2.13
CA ARG A 41 5.87 -3.83 -3.29
C ARG A 41 4.93 -4.75 -4.06
N ASN A 42 5.34 -6.01 -4.22
CA ASN A 42 4.52 -6.98 -4.94
C ASN A 42 3.24 -7.27 -4.16
N ARG A 43 3.35 -7.31 -2.85
CA ARG A 43 2.20 -7.60 -2.00
C ARG A 43 1.17 -6.48 -2.11
N VAL A 44 1.65 -5.23 -2.11
CA VAL A 44 0.75 -4.09 -2.21
C VAL A 44 0.00 -4.12 -3.54
N GLU A 45 0.74 -4.33 -4.62
CA GLU A 45 0.13 -4.37 -5.94
C GLU A 45 -1.02 -5.35 -5.98
N LYS A 46 -0.79 -6.55 -5.46
CA LYS A 46 -1.82 -7.57 -5.43
C LYS A 46 -2.92 -7.21 -4.44
N ALA A 47 -2.51 -6.66 -3.29
CA ALA A 47 -3.46 -6.26 -2.26
C ALA A 47 -4.33 -5.09 -2.74
N ALA A 48 -3.82 -4.36 -3.73
CA ALA A 48 -4.56 -3.22 -4.27
C ALA A 48 -5.86 -3.67 -4.92
N ARG A 49 -5.80 -4.75 -5.67
CA ARG A 49 -6.98 -5.29 -6.33
C ARG A 49 -7.88 -6.00 -5.34
N GLU A 50 -7.27 -6.71 -4.39
CA GLU A 50 -8.03 -7.45 -3.39
C GLU A 50 -8.86 -6.50 -2.54
N VAL A 51 -8.26 -5.41 -2.08
CA VAL A 51 -8.97 -4.44 -1.27
C VAL A 51 -9.94 -3.63 -2.12
N GLY A 52 -9.65 -3.55 -3.41
CA GLY A 52 -10.50 -2.81 -4.33
C GLY A 52 -10.76 -1.40 -3.82
N TYR A 53 -9.67 -0.65 -3.63
CA TYR A 53 -9.80 0.72 -3.15
C TYR A 53 -10.35 1.62 -4.25
N LEU A 54 -11.57 2.12 -4.03
CA LEU A 54 -12.24 3.01 -4.97
C LEU A 54 -12.35 4.42 -4.40
N PRO A 55 -12.58 4.57 -3.11
CA PRO A 55 -12.71 5.89 -2.46
C PRO A 55 -11.35 6.47 -2.09
N ALA A 9 -14.54 -3.39 2.77
CA ALA A 9 -14.49 -1.90 2.78
C ALA A 9 -13.19 -1.44 3.43
N ALA A 10 -12.08 -2.08 3.04
CA ALA A 10 -10.78 -1.74 3.59
C ALA A 10 -10.18 -0.55 2.83
N THR A 11 -9.00 -0.12 3.25
CA THR A 11 -8.32 1.00 2.59
C THR A 11 -6.81 0.78 2.59
N MET A 12 -6.10 1.51 1.73
CA MET A 12 -4.66 1.37 1.63
C MET A 12 -4.00 1.58 2.98
N LYS A 13 -4.49 2.55 3.74
CA LYS A 13 -3.94 2.83 5.05
C LYS A 13 -4.09 1.62 5.96
N ASP A 14 -5.26 1.00 5.90
CA ASP A 14 -5.54 -0.17 6.72
C ASP A 14 -4.59 -1.29 6.40
N VAL A 15 -4.24 -1.43 5.13
CA VAL A 15 -3.33 -2.48 4.69
C VAL A 15 -1.97 -2.32 5.38
N ALA A 16 -1.50 -1.09 5.47
CA ALA A 16 -0.22 -0.81 6.09
C ALA A 16 -0.14 -1.46 7.47
N LEU A 17 -1.25 -1.38 8.21
CA LEU A 17 -1.29 -1.95 9.54
C LEU A 17 -1.00 -3.44 9.48
N LYS A 18 -1.57 -4.12 8.49
CA LYS A 18 -1.34 -5.56 8.35
C LYS A 18 0.03 -5.83 7.74
N ALA A 19 0.30 -5.19 6.61
CA ALA A 19 1.58 -5.37 5.92
C ALA A 19 2.71 -4.78 6.75
N LYS A 20 2.35 -3.99 7.76
CA LYS A 20 3.34 -3.37 8.62
C LYS A 20 4.43 -2.70 7.80
N VAL A 21 4.01 -1.89 6.82
CA VAL A 21 4.99 -1.19 5.98
C VAL A 21 5.45 0.09 6.67
N SER A 22 4.63 1.13 6.59
CA SER A 22 4.96 2.41 7.20
C SER A 22 3.94 3.46 6.80
N THR A 23 3.42 4.17 7.80
CA THR A 23 2.43 5.21 7.54
C THR A 23 2.93 6.18 6.48
N ALA A 24 4.22 6.52 6.52
CA ALA A 24 4.79 7.45 5.54
C ALA A 24 4.90 6.81 4.16
N THR A 25 5.34 5.56 4.12
CA THR A 25 5.52 4.86 2.84
C THR A 25 4.20 4.82 2.08
N VAL A 26 3.21 4.17 2.65
CA VAL A 26 1.90 4.05 2.00
C VAL A 26 1.31 5.43 1.76
N SER A 27 1.49 6.33 2.71
CA SER A 27 0.94 7.68 2.59
C SER A 27 1.51 8.37 1.36
N ARG A 28 2.81 8.25 1.15
CA ARG A 28 3.46 8.87 0.01
C ARG A 28 3.25 8.05 -1.26
N ALA A 29 2.87 6.79 -1.08
CA ALA A 29 2.65 5.89 -2.21
C ALA A 29 1.53 6.42 -3.10
N LEU A 30 0.71 7.30 -2.54
CA LEU A 30 -0.42 7.85 -3.26
C LEU A 30 0.07 8.62 -4.49
N MET A 31 1.17 9.33 -4.35
CA MET A 31 1.74 10.09 -5.46
C MET A 31 3.04 9.47 -5.94
N ASN A 32 3.64 8.63 -5.09
CA ASN A 32 4.90 7.97 -5.43
C ASN A 32 4.90 6.52 -4.97
N PRO A 33 4.19 5.65 -5.66
CA PRO A 33 4.11 4.21 -5.32
C PRO A 33 5.34 3.43 -5.78
N ASP A 34 6.50 3.83 -5.29
CA ASP A 34 7.75 3.17 -5.64
C ASP A 34 8.79 3.35 -4.55
N LYS A 35 8.33 3.61 -3.33
CA LYS A 35 9.23 3.81 -2.19
C LYS A 35 9.07 2.70 -1.17
N VAL A 36 8.66 1.52 -1.64
CA VAL A 36 8.48 0.36 -0.78
C VAL A 36 9.40 -0.77 -1.20
N SER A 37 9.67 -1.68 -0.27
CA SER A 37 10.54 -2.81 -0.55
C SER A 37 9.99 -3.63 -1.71
N GLN A 38 10.89 -4.29 -2.43
CA GLN A 38 10.50 -5.09 -3.57
C GLN A 38 9.40 -6.08 -3.16
N ALA A 39 9.57 -6.70 -2.01
CA ALA A 39 8.56 -7.66 -1.55
C ALA A 39 7.24 -6.93 -1.29
N THR A 40 7.31 -5.89 -0.47
CA THR A 40 6.11 -5.13 -0.14
C THR A 40 5.55 -4.45 -1.38
N ARG A 41 6.40 -4.26 -2.38
CA ARG A 41 5.98 -3.63 -3.62
C ARG A 41 4.97 -4.50 -4.34
N ASN A 42 5.26 -5.80 -4.43
CA ASN A 42 4.36 -6.73 -5.10
C ASN A 42 3.04 -6.86 -4.33
N ARG A 43 3.14 -6.92 -3.01
CA ARG A 43 1.96 -7.06 -2.17
C ARG A 43 1.07 -5.84 -2.31
N VAL A 44 1.68 -4.66 -2.35
CA VAL A 44 0.91 -3.43 -2.48
C VAL A 44 0.14 -3.42 -3.80
N GLU A 45 0.83 -3.74 -4.88
CA GLU A 45 0.21 -3.75 -6.20
C GLU A 45 -1.07 -4.56 -6.16
N LYS A 46 -0.98 -5.78 -5.65
CA LYS A 46 -2.15 -6.65 -5.55
C LYS A 46 -3.14 -6.11 -4.53
N ALA A 47 -2.61 -5.62 -3.42
CA ALA A 47 -3.45 -5.09 -2.35
C ALA A 47 -4.36 -3.99 -2.89
N ALA A 48 -3.95 -3.37 -4.00
CA ALA A 48 -4.75 -2.32 -4.61
C ALA A 48 -6.06 -2.87 -5.16
N ARG A 49 -5.99 -4.03 -5.79
CA ARG A 49 -7.17 -4.67 -6.35
C ARG A 49 -8.02 -5.30 -5.25
N GLU A 50 -7.37 -5.91 -4.27
CA GLU A 50 -8.06 -6.56 -3.17
C GLU A 50 -8.78 -5.55 -2.30
N VAL A 51 -8.11 -4.44 -2.00
CA VAL A 51 -8.71 -3.42 -1.15
C VAL A 51 -9.79 -2.65 -1.94
N GLY A 52 -9.62 -2.59 -3.26
CA GLY A 52 -10.58 -1.90 -4.12
C GLY A 52 -10.21 -0.43 -4.29
N TYR A 53 -9.62 0.15 -3.25
CA TYR A 53 -9.23 1.56 -3.28
C TYR A 53 -8.51 1.86 -4.57
N LEU A 54 -8.64 3.10 -5.05
CA LEU A 54 -7.99 3.50 -6.30
C LEU A 54 -7.32 4.86 -6.15
N PRO A 55 -6.22 5.08 -6.85
CA PRO A 55 -5.49 6.38 -6.80
C PRO A 55 -6.43 7.58 -6.70
N ALA A 9 -16.06 -0.48 3.86
CA ALA A 9 -15.03 -0.08 2.86
C ALA A 9 -13.69 0.10 3.56
N ALA A 10 -12.68 -0.61 3.08
CA ALA A 10 -11.35 -0.53 3.67
C ALA A 10 -10.57 0.64 3.08
N THR A 11 -9.36 0.86 3.59
CA THR A 11 -8.53 1.95 3.10
C THR A 11 -7.06 1.51 3.01
N MET A 12 -6.35 2.07 2.05
CA MET A 12 -4.94 1.73 1.87
C MET A 12 -4.18 1.90 3.18
N LYS A 13 -4.57 2.88 3.98
CA LYS A 13 -3.92 3.14 5.25
C LYS A 13 -4.11 1.95 6.19
N ASP A 14 -5.34 1.43 6.24
CA ASP A 14 -5.64 0.32 7.13
C ASP A 14 -4.81 -0.90 6.73
N VAL A 15 -4.59 -1.06 5.44
CA VAL A 15 -3.81 -2.19 4.95
C VAL A 15 -2.41 -2.16 5.52
N ALA A 16 -1.81 -0.98 5.54
CA ALA A 16 -0.45 -0.83 6.06
C ALA A 16 -0.34 -1.46 7.44
N LEU A 17 -1.37 -1.29 8.25
CA LEU A 17 -1.38 -1.86 9.59
C LEU A 17 -1.32 -3.38 9.52
N LYS A 18 -2.08 -3.96 8.59
CA LYS A 18 -2.11 -5.41 8.43
C LYS A 18 -0.78 -5.91 7.86
N ALA A 19 -0.25 -5.17 6.89
CA ALA A 19 1.02 -5.55 6.27
C ALA A 19 2.19 -4.95 7.02
N LYS A 20 1.89 -4.23 8.10
CA LYS A 20 2.92 -3.60 8.91
C LYS A 20 4.03 -3.03 8.02
N VAL A 21 3.66 -2.62 6.82
CA VAL A 21 4.62 -2.06 5.88
C VAL A 21 5.10 -0.70 6.37
N SER A 22 4.26 0.31 6.19
CA SER A 22 4.62 1.67 6.61
C SER A 22 3.52 2.65 6.21
N THR A 23 3.01 3.38 7.20
CA THR A 23 1.96 4.36 6.95
C THR A 23 2.45 5.43 5.99
N ALA A 24 3.75 5.70 6.02
CA ALA A 24 4.33 6.71 5.14
C ALA A 24 4.48 6.18 3.71
N THR A 25 5.03 4.98 3.60
CA THR A 25 5.24 4.38 2.28
C THR A 25 3.90 4.27 1.53
N VAL A 26 2.99 3.48 2.08
CA VAL A 26 1.69 3.30 1.45
C VAL A 26 1.05 4.66 1.18
N SER A 27 1.26 5.61 2.07
CA SER A 27 0.70 6.95 1.91
C SER A 27 1.31 7.64 0.70
N ARG A 28 2.60 7.43 0.48
CA ARG A 28 3.30 8.04 -0.65
C ARG A 28 3.10 7.21 -1.91
N ALA A 29 2.67 5.97 -1.74
CA ALA A 29 2.48 5.08 -2.88
C ALA A 29 1.69 5.77 -3.98
N LEU A 30 0.86 6.74 -3.58
CA LEU A 30 0.05 7.47 -4.55
C LEU A 30 0.77 8.72 -5.02
N MET A 31 1.92 9.00 -4.43
CA MET A 31 2.71 10.16 -4.80
C MET A 31 4.11 9.76 -5.23
N ASN A 32 4.82 9.05 -4.35
CA ASN A 32 6.18 8.60 -4.65
C ASN A 32 6.32 7.11 -4.37
N PRO A 33 5.81 6.27 -5.23
CA PRO A 33 5.88 4.80 -5.08
C PRO A 33 7.25 4.25 -5.47
N ASP A 34 8.29 4.78 -4.85
CA ASP A 34 9.65 4.31 -5.14
C ASP A 34 10.40 4.01 -3.85
N LYS A 35 9.70 4.11 -2.73
CA LYS A 35 10.33 3.86 -1.43
C LYS A 35 10.01 2.45 -0.94
N VAL A 36 9.06 1.80 -1.61
CA VAL A 36 8.68 0.45 -1.24
C VAL A 36 9.66 -0.57 -1.81
N SER A 37 10.07 -1.52 -0.98
CA SER A 37 11.02 -2.55 -1.41
C SER A 37 10.40 -3.41 -2.51
N GLN A 38 11.26 -4.00 -3.33
CA GLN A 38 10.79 -4.82 -4.44
C GLN A 38 9.72 -5.80 -3.96
N ALA A 39 10.01 -6.49 -2.85
CA ALA A 39 9.06 -7.44 -2.30
C ALA A 39 7.79 -6.72 -1.83
N THR A 40 7.97 -5.71 -0.99
CA THR A 40 6.84 -4.95 -0.48
C THR A 40 6.12 -4.23 -1.62
N ARG A 41 6.84 -4.02 -2.71
CA ARG A 41 6.26 -3.34 -3.87
C ARG A 41 5.21 -4.22 -4.54
N ASN A 42 5.50 -5.51 -4.66
CA ASN A 42 4.57 -6.44 -5.28
C ASN A 42 3.34 -6.63 -4.40
N ARG A 43 3.55 -6.72 -3.10
CA ARG A 43 2.46 -6.92 -2.16
C ARG A 43 1.50 -5.74 -2.20
N VAL A 44 2.05 -4.54 -2.21
CA VAL A 44 1.23 -3.34 -2.24
C VAL A 44 0.40 -3.30 -3.53
N GLU A 45 1.06 -3.53 -4.65
CA GLU A 45 0.38 -3.50 -5.94
C GLU A 45 -0.85 -4.39 -5.90
N LYS A 46 -0.68 -5.61 -5.42
CA LYS A 46 -1.79 -6.56 -5.33
C LYS A 46 -2.77 -6.15 -4.24
N ALA A 47 -2.23 -5.67 -3.13
CA ALA A 47 -3.06 -5.26 -2.01
C ALA A 47 -4.02 -4.15 -2.42
N ALA A 48 -3.68 -3.45 -3.51
CA ALA A 48 -4.52 -2.37 -4.00
C ALA A 48 -5.85 -2.90 -4.51
N ARG A 49 -5.79 -3.96 -5.31
CA ARG A 49 -6.99 -4.57 -5.86
C ARG A 49 -7.73 -5.38 -4.79
N GLU A 50 -6.95 -6.02 -3.91
CA GLU A 50 -7.54 -6.86 -2.88
C GLU A 50 -8.36 -6.02 -1.91
N VAL A 51 -7.80 -4.89 -1.50
CA VAL A 51 -8.49 -4.00 -0.56
C VAL A 51 -9.64 -3.28 -1.26
N GLY A 52 -9.61 -3.26 -2.59
CA GLY A 52 -10.66 -2.62 -3.35
C GLY A 52 -10.57 -1.10 -3.24
N TYR A 53 -9.38 -0.57 -3.47
CA TYR A 53 -9.17 0.88 -3.41
C TYR A 53 -9.37 1.50 -4.77
N LEU A 54 -10.33 2.43 -4.88
CA LEU A 54 -10.63 3.09 -6.14
C LEU A 54 -10.45 4.60 -6.01
N PRO A 55 -9.28 5.10 -6.37
CA PRO A 55 -8.98 6.55 -6.30
C PRO A 55 -9.55 7.32 -7.49
N ALA A 9 -15.80 -1.50 4.76
CA ALA A 9 -14.94 -2.16 3.74
C ALA A 9 -13.48 -1.90 4.07
N ALA A 10 -12.58 -2.41 3.22
CA ALA A 10 -11.15 -2.23 3.44
C ALA A 10 -10.70 -0.86 2.94
N THR A 11 -9.54 -0.42 3.40
CA THR A 11 -9.00 0.87 2.98
C THR A 11 -7.49 0.81 2.84
N MET A 12 -6.95 1.61 1.93
CA MET A 12 -5.51 1.62 1.69
C MET A 12 -4.76 1.83 3.00
N LYS A 13 -5.29 2.69 3.86
CA LYS A 13 -4.66 2.96 5.14
C LYS A 13 -4.66 1.70 6.00
N ASP A 14 -5.80 1.02 6.05
CA ASP A 14 -5.92 -0.18 6.86
C ASP A 14 -4.95 -1.25 6.37
N VAL A 15 -4.75 -1.30 5.06
CA VAL A 15 -3.84 -2.28 4.47
C VAL A 15 -2.43 -2.12 5.02
N ALA A 16 -1.98 -0.87 5.12
CA ALA A 16 -0.64 -0.60 5.63
C ALA A 16 -0.48 -1.20 7.03
N LEU A 17 -1.53 -1.09 7.84
CA LEU A 17 -1.48 -1.62 9.20
C LEU A 17 -1.46 -3.14 9.18
N LYS A 18 -2.38 -3.72 8.41
CA LYS A 18 -2.48 -5.18 8.32
C LYS A 18 -1.21 -5.76 7.73
N ALA A 19 -0.60 -5.02 6.82
CA ALA A 19 0.63 -5.47 6.16
C ALA A 19 1.85 -4.85 6.83
N LYS A 20 1.62 -4.09 7.90
CA LYS A 20 2.71 -3.45 8.62
C LYS A 20 3.72 -2.83 7.64
N VAL A 21 3.19 -2.21 6.59
CA VAL A 21 4.06 -1.60 5.59
C VAL A 21 4.75 -0.36 6.16
N SER A 22 4.00 0.75 6.23
CA SER A 22 4.54 1.99 6.77
C SER A 22 3.56 3.14 6.54
N THR A 23 3.35 3.93 7.58
CA THR A 23 2.44 5.06 7.50
C THR A 23 2.97 6.13 6.56
N ALA A 24 4.29 6.17 6.41
CA ALA A 24 4.92 7.15 5.53
C ALA A 24 4.85 6.70 4.07
N THR A 25 5.13 5.42 3.84
CA THR A 25 5.10 4.87 2.48
C THR A 25 3.74 5.15 1.84
N VAL A 26 2.69 4.59 2.43
CA VAL A 26 1.35 4.79 1.89
C VAL A 26 1.06 6.27 1.67
N SER A 27 1.74 7.11 2.45
CA SER A 27 1.55 8.56 2.34
C SER A 27 2.24 9.08 1.08
N ARG A 28 3.34 8.44 0.70
CA ARG A 28 4.08 8.86 -0.48
C ARG A 28 3.44 8.30 -1.74
N ALA A 29 2.62 7.27 -1.58
CA ALA A 29 1.95 6.65 -2.71
C ALA A 29 1.20 7.68 -3.52
N LEU A 30 0.95 8.84 -2.93
CA LEU A 30 0.23 9.91 -3.61
C LEU A 30 1.18 10.75 -4.45
N MET A 31 2.48 10.54 -4.26
CA MET A 31 3.48 11.28 -5.01
C MET A 31 4.44 10.34 -5.74
N ASN A 32 4.75 9.21 -5.11
CA ASN A 32 5.65 8.24 -5.69
C ASN A 32 5.60 6.92 -4.91
N PRO A 33 4.83 5.98 -5.39
CA PRO A 33 4.67 4.65 -4.72
C PRO A 33 5.88 3.75 -4.98
N ASP A 34 6.60 4.02 -6.06
CA ASP A 34 7.77 3.21 -6.41
C ASP A 34 8.86 3.38 -5.37
N LYS A 35 8.46 3.68 -4.13
CA LYS A 35 9.42 3.86 -3.04
C LYS A 35 9.31 2.72 -2.05
N VAL A 36 8.58 1.67 -2.42
CA VAL A 36 8.40 0.52 -1.54
C VAL A 36 9.38 -0.59 -1.93
N SER A 37 9.78 -1.38 -0.94
CA SER A 37 10.73 -2.47 -1.18
C SER A 37 10.17 -3.45 -2.20
N GLN A 38 11.06 -4.10 -2.93
CA GLN A 38 10.64 -5.06 -3.95
C GLN A 38 9.63 -6.05 -3.37
N ALA A 39 9.93 -6.56 -2.18
CA ALA A 39 9.02 -7.51 -1.53
C ALA A 39 7.68 -6.84 -1.25
N THR A 40 7.71 -5.70 -0.59
CA THR A 40 6.49 -4.97 -0.28
C THR A 40 5.83 -4.47 -1.57
N ARG A 41 6.63 -4.37 -2.63
CA ARG A 41 6.12 -3.89 -3.91
C ARG A 41 5.13 -4.89 -4.50
N ASN A 42 5.51 -6.17 -4.51
CA ASN A 42 4.64 -7.21 -5.04
C ASN A 42 3.40 -7.37 -4.16
N ARG A 43 3.60 -7.27 -2.85
CA ARG A 43 2.50 -7.42 -1.92
C ARG A 43 1.47 -6.32 -2.12
N VAL A 44 1.96 -5.09 -2.34
CA VAL A 44 1.06 -3.96 -2.55
C VAL A 44 0.21 -4.19 -3.80
N GLU A 45 0.85 -4.62 -4.88
CA GLU A 45 0.14 -4.84 -6.13
C GLU A 45 -1.09 -5.72 -5.89
N LYS A 46 -0.88 -6.85 -5.21
CA LYS A 46 -1.98 -7.76 -4.92
C LYS A 46 -2.94 -7.13 -3.89
N ALA A 47 -2.37 -6.45 -2.90
CA ALA A 47 -3.16 -5.80 -1.87
C ALA A 47 -4.02 -4.69 -2.47
N ALA A 48 -3.61 -4.20 -3.63
CA ALA A 48 -4.34 -3.13 -4.30
C ALA A 48 -5.67 -3.64 -4.85
N ARG A 49 -5.66 -4.85 -5.41
CA ARG A 49 -6.87 -5.44 -5.96
C ARG A 49 -7.85 -5.78 -4.85
N GLU A 50 -7.32 -6.31 -3.74
CA GLU A 50 -8.17 -6.69 -2.61
C GLU A 50 -8.97 -5.50 -2.10
N VAL A 51 -8.26 -4.40 -1.83
CA VAL A 51 -8.91 -3.19 -1.34
C VAL A 51 -9.58 -2.44 -2.48
N GLY A 52 -9.23 -2.81 -3.72
CA GLY A 52 -9.81 -2.16 -4.89
C GLY A 52 -9.86 -0.65 -4.71
N TYR A 53 -8.89 -0.11 -3.99
CA TYR A 53 -8.85 1.33 -3.75
C TYR A 53 -7.40 1.83 -3.80
N LEU A 54 -7.09 2.65 -4.78
CA LEU A 54 -5.76 3.22 -4.92
C LEU A 54 -5.71 4.65 -4.39
N PRO A 55 -6.78 5.39 -4.55
CA PRO A 55 -6.86 6.80 -4.09
C PRO A 55 -7.26 6.90 -2.62
N ALA A 9 -14.90 -3.82 2.34
CA ALA A 9 -14.85 -2.33 2.43
C ALA A 9 -13.56 -1.89 3.11
N ALA A 10 -12.45 -2.51 2.72
CA ALA A 10 -11.15 -2.19 3.31
C ALA A 10 -10.60 -0.92 2.68
N THR A 11 -9.40 -0.53 3.09
CA THR A 11 -8.75 0.67 2.58
C THR A 11 -7.25 0.46 2.43
N MET A 12 -6.66 1.10 1.43
CA MET A 12 -5.23 0.96 1.20
C MET A 12 -4.44 1.30 2.46
N LYS A 13 -4.94 2.26 3.23
CA LYS A 13 -4.28 2.65 4.46
C LYS A 13 -4.27 1.50 5.46
N ASP A 14 -5.40 0.80 5.55
CA ASP A 14 -5.51 -0.32 6.49
C ASP A 14 -4.53 -1.41 6.13
N VAL A 15 -4.27 -1.58 4.83
CA VAL A 15 -3.35 -2.60 4.37
C VAL A 15 -1.96 -2.35 4.93
N ALA A 16 -1.52 -1.11 4.88
CA ALA A 16 -0.19 -0.76 5.39
C ALA A 16 -0.02 -1.26 6.82
N LEU A 17 -1.08 -1.09 7.61
CA LEU A 17 -1.02 -1.52 9.00
C LEU A 17 -0.81 -3.03 9.09
N LYS A 18 -1.57 -3.78 8.30
CA LYS A 18 -1.45 -5.23 8.29
C LYS A 18 -0.08 -5.65 7.74
N ALA A 19 0.37 -4.95 6.72
CA ALA A 19 1.67 -5.26 6.10
C ALA A 19 2.80 -4.57 6.86
N LYS A 20 2.44 -3.77 7.85
CA LYS A 20 3.44 -3.07 8.65
C LYS A 20 4.47 -2.41 7.75
N VAL A 21 4.00 -1.78 6.68
CA VAL A 21 4.91 -1.11 5.75
C VAL A 21 5.53 0.12 6.40
N SER A 22 4.73 1.19 6.51
CA SER A 22 5.21 2.42 7.12
C SER A 22 4.23 3.56 6.87
N THR A 23 4.02 4.38 7.89
CA THR A 23 3.10 5.51 7.78
C THR A 23 3.59 6.51 6.74
N ALA A 24 4.91 6.61 6.61
CA ALA A 24 5.49 7.54 5.64
C ALA A 24 5.36 7.01 4.22
N THR A 25 5.57 5.71 4.07
CA THR A 25 5.49 5.09 2.74
C THR A 25 4.12 5.33 2.13
N VAL A 26 3.09 4.77 2.76
CA VAL A 26 1.73 4.92 2.25
C VAL A 26 1.40 6.40 2.03
N SER A 27 2.01 7.26 2.83
CA SER A 27 1.78 8.69 2.70
C SER A 27 2.58 9.28 1.54
N ARG A 28 3.81 8.79 1.37
CA ARG A 28 4.68 9.26 0.29
C ARG A 28 4.37 8.51 -1.01
N ALA A 29 3.71 7.37 -0.89
CA ALA A 29 3.39 6.56 -2.06
C ALA A 29 2.77 7.42 -3.15
N LEU A 30 1.74 8.18 -2.78
CA LEU A 30 1.07 9.04 -3.74
C LEU A 30 1.95 10.21 -4.13
N MET A 31 3.06 10.38 -3.41
CA MET A 31 3.99 11.47 -3.70
C MET A 31 5.13 10.99 -4.58
N ASN A 32 5.79 9.90 -4.15
CA ASN A 32 6.91 9.35 -4.89
C ASN A 32 6.53 8.03 -5.55
N PRO A 33 7.38 7.52 -6.41
CA PRO A 33 7.14 6.22 -7.10
C PRO A 33 6.89 5.07 -6.12
N ASP A 34 7.50 3.92 -6.40
CA ASP A 34 7.35 2.74 -5.55
C ASP A 34 8.39 2.76 -4.43
N LYS A 35 8.22 3.66 -3.47
CA LYS A 35 9.15 3.75 -2.36
C LYS A 35 9.09 2.50 -1.50
N VAL A 36 8.10 1.66 -1.75
CA VAL A 36 7.96 0.43 -1.00
C VAL A 36 8.99 -0.60 -1.47
N SER A 37 9.29 -1.54 -0.61
CA SER A 37 10.25 -2.59 -0.93
C SER A 37 9.67 -3.56 -1.95
N GLN A 38 10.55 -4.24 -2.66
CA GLN A 38 10.11 -5.20 -3.68
C GLN A 38 9.09 -6.16 -3.08
N ALA A 39 9.34 -6.61 -1.87
CA ALA A 39 8.41 -7.53 -1.23
C ALA A 39 7.05 -6.86 -1.05
N THR A 40 7.05 -5.69 -0.42
CA THR A 40 5.81 -4.95 -0.20
C THR A 40 5.22 -4.50 -1.53
N ARG A 41 6.07 -4.41 -2.54
CA ARG A 41 5.62 -4.00 -3.85
C ARG A 41 4.65 -5.02 -4.43
N ASN A 42 5.04 -6.28 -4.40
CA ASN A 42 4.19 -7.35 -4.93
C ASN A 42 2.93 -7.51 -4.08
N ARG A 43 3.09 -7.41 -2.77
CA ARG A 43 1.98 -7.57 -1.85
C ARG A 43 0.96 -6.46 -2.07
N VAL A 44 1.45 -5.24 -2.23
CA VAL A 44 0.56 -4.10 -2.45
C VAL A 44 -0.25 -4.29 -3.73
N GLU A 45 0.43 -4.69 -4.79
CA GLU A 45 -0.24 -4.89 -6.08
C GLU A 45 -1.45 -5.80 -5.91
N LYS A 46 -1.23 -6.96 -5.29
CA LYS A 46 -2.32 -7.90 -5.06
C LYS A 46 -3.30 -7.38 -4.03
N ALA A 47 -2.77 -6.81 -2.96
CA ALA A 47 -3.60 -6.28 -1.89
C ALA A 47 -4.47 -5.13 -2.40
N ALA A 48 -4.03 -4.50 -3.47
CA ALA A 48 -4.78 -3.39 -4.04
C ALA A 48 -6.09 -3.87 -4.67
N ARG A 49 -6.03 -5.01 -5.33
CA ARG A 49 -7.21 -5.59 -5.97
C ARG A 49 -8.20 -6.07 -4.91
N GLU A 50 -7.68 -6.68 -3.85
CA GLU A 50 -8.53 -7.20 -2.79
C GLU A 50 -9.35 -6.08 -2.16
N VAL A 51 -8.69 -4.98 -1.80
CA VAL A 51 -9.36 -3.85 -1.20
C VAL A 51 -10.11 -3.05 -2.25
N GLY A 52 -9.77 -3.26 -3.52
CA GLY A 52 -10.41 -2.56 -4.62
C GLY A 52 -10.53 -1.07 -4.30
N TYR A 53 -9.44 -0.49 -3.82
CA TYR A 53 -9.42 0.93 -3.47
C TYR A 53 -9.39 1.78 -4.74
N LEU A 54 -10.21 2.83 -4.76
CA LEU A 54 -10.26 3.72 -5.92
C LEU A 54 -10.17 5.18 -5.50
N PRO A 55 -9.60 6.02 -6.32
CA PRO A 55 -9.46 7.48 -6.01
C PRO A 55 -10.82 8.17 -6.00
N ALA A 9 -15.89 -1.13 3.62
CA ALA A 9 -14.84 -1.21 2.55
C ALA A 9 -13.48 -0.97 3.18
N ALA A 10 -12.45 -1.61 2.61
CA ALA A 10 -11.10 -1.47 3.12
C ALA A 10 -10.41 -0.27 2.48
N THR A 11 -9.20 0.04 2.95
CA THR A 11 -8.44 1.15 2.41
C THR A 11 -6.97 0.82 2.33
N MET A 12 -6.28 1.39 1.35
CA MET A 12 -4.85 1.15 1.18
C MET A 12 -4.11 1.41 2.49
N LYS A 13 -4.57 2.40 3.24
CA LYS A 13 -3.94 2.74 4.51
C LYS A 13 -4.08 1.61 5.51
N ASP A 14 -5.28 1.03 5.56
CA ASP A 14 -5.55 -0.07 6.49
C ASP A 14 -4.65 -1.26 6.18
N VAL A 15 -4.39 -1.48 4.91
CA VAL A 15 -3.54 -2.59 4.48
C VAL A 15 -2.14 -2.44 5.07
N ALA A 16 -1.63 -1.22 5.05
CA ALA A 16 -0.29 -0.96 5.57
C ALA A 16 -0.13 -1.54 6.98
N LEU A 17 -1.12 -1.30 7.82
CA LEU A 17 -1.10 -1.81 9.18
C LEU A 17 -1.14 -3.34 9.17
N LYS A 18 -1.96 -3.90 8.29
CA LYS A 18 -2.09 -5.35 8.19
C LYS A 18 -0.75 -5.98 7.83
N ALA A 19 -0.01 -5.31 6.94
CA ALA A 19 1.30 -5.81 6.51
C ALA A 19 2.41 -5.10 7.26
N LYS A 20 2.06 -4.39 8.32
CA LYS A 20 3.06 -3.67 9.10
C LYS A 20 4.06 -2.96 8.19
N VAL A 21 3.54 -2.27 7.18
CA VAL A 21 4.40 -1.57 6.24
C VAL A 21 4.91 -0.27 6.83
N SER A 22 4.08 0.77 6.77
CA SER A 22 4.45 2.08 7.31
C SER A 22 3.51 3.15 6.78
N THR A 23 3.12 4.06 7.66
CA THR A 23 2.23 5.15 7.28
C THR A 23 2.94 6.17 6.41
N ALA A 24 4.26 6.21 6.53
CA ALA A 24 5.06 7.17 5.78
C ALA A 24 5.24 6.75 4.32
N THR A 25 5.81 5.55 4.13
CA THR A 25 6.05 5.05 2.79
C THR A 25 4.73 4.99 2.02
N VAL A 26 3.77 4.27 2.57
CA VAL A 26 2.47 4.12 1.91
C VAL A 26 1.88 5.49 1.59
N SER A 27 2.16 6.45 2.45
CA SER A 27 1.65 7.81 2.25
C SER A 27 2.39 8.49 1.08
N ARG A 28 3.65 8.15 0.91
CA ARG A 28 4.45 8.72 -0.17
C ARG A 28 4.21 7.96 -1.48
N ALA A 29 3.75 6.72 -1.35
CA ALA A 29 3.49 5.89 -2.53
C ALA A 29 2.31 6.44 -3.32
N LEU A 30 1.50 7.27 -2.66
CA LEU A 30 0.33 7.84 -3.31
C LEU A 30 0.72 8.61 -4.56
N MET A 31 1.84 9.33 -4.48
CA MET A 31 2.33 10.10 -5.63
C MET A 31 3.74 9.64 -6.01
N ASN A 32 4.39 8.91 -5.12
CA ASN A 32 5.75 8.43 -5.37
C ASN A 32 5.85 6.94 -5.08
N PRO A 33 5.29 6.12 -5.94
CA PRO A 33 5.32 4.64 -5.77
C PRO A 33 6.64 4.04 -6.21
N ASP A 34 7.73 4.52 -5.62
CA ASP A 34 9.05 4.00 -5.96
C ASP A 34 9.91 3.88 -4.71
N LYS A 35 9.30 4.10 -3.54
CA LYS A 35 10.02 4.01 -2.29
C LYS A 35 9.72 2.69 -1.58
N VAL A 36 8.60 2.07 -1.96
CA VAL A 36 8.21 0.80 -1.36
C VAL A 36 9.21 -0.30 -1.72
N SER A 37 9.52 -1.15 -0.76
CA SER A 37 10.47 -2.24 -0.98
C SER A 37 9.96 -3.17 -2.08
N GLN A 38 10.89 -3.75 -2.83
CA GLN A 38 10.52 -4.64 -3.92
C GLN A 38 9.47 -5.65 -3.45
N ALA A 39 9.74 -6.30 -2.33
CA ALA A 39 8.80 -7.29 -1.79
C ALA A 39 7.48 -6.61 -1.41
N THR A 40 7.57 -5.57 -0.59
CA THR A 40 6.39 -4.85 -0.16
C THR A 40 5.69 -4.20 -1.34
N ARG A 41 6.45 -3.98 -2.41
CA ARG A 41 5.90 -3.36 -3.61
C ARG A 41 4.92 -4.31 -4.31
N ASN A 42 5.29 -5.59 -4.36
CA ASN A 42 4.43 -6.58 -5.00
C ASN A 42 3.21 -6.87 -4.15
N ARG A 43 3.42 -6.99 -2.84
CA ARG A 43 2.32 -7.30 -1.93
C ARG A 43 1.23 -6.23 -2.00
N VAL A 44 1.63 -4.97 -1.88
CA VAL A 44 0.68 -3.87 -1.92
C VAL A 44 -0.05 -3.86 -3.25
N GLU A 45 0.69 -4.04 -4.34
CA GLU A 45 0.10 -4.04 -5.67
C GLU A 45 -1.09 -4.99 -5.72
N LYS A 46 -0.88 -6.22 -5.27
CA LYS A 46 -1.95 -7.22 -5.25
C LYS A 46 -2.98 -6.89 -4.17
N ALA A 47 -2.50 -6.43 -3.04
CA ALA A 47 -3.38 -6.08 -1.92
C ALA A 47 -4.29 -4.91 -2.30
N ALA A 48 -3.86 -4.14 -3.29
CA ALA A 48 -4.64 -2.99 -3.74
C ALA A 48 -5.94 -3.44 -4.40
N ARG A 49 -5.84 -4.48 -5.22
CA ARG A 49 -7.01 -5.00 -5.92
C ARG A 49 -8.00 -5.59 -4.92
N GLU A 50 -7.48 -6.29 -3.92
CA GLU A 50 -8.33 -6.91 -2.92
C GLU A 50 -9.23 -5.87 -2.26
N VAL A 51 -8.64 -4.77 -1.82
CA VAL A 51 -9.40 -3.70 -1.18
C VAL A 51 -10.18 -2.91 -2.21
N GLY A 52 -9.81 -3.05 -3.47
CA GLY A 52 -10.48 -2.34 -4.54
C GLY A 52 -10.58 -0.85 -4.23
N TYR A 53 -9.51 -0.29 -3.68
CA TYR A 53 -9.48 1.12 -3.34
C TYR A 53 -9.44 1.97 -4.60
N LEU A 54 -10.26 3.02 -4.62
CA LEU A 54 -10.33 3.91 -5.78
C LEU A 54 -10.10 5.36 -5.36
N PRO A 55 -8.86 5.78 -5.32
CA PRO A 55 -8.49 7.16 -4.93
C PRO A 55 -9.27 8.21 -5.72
N ALA A 9 -15.89 -1.75 3.78
CA ALA A 9 -15.01 -1.11 2.77
C ALA A 9 -13.65 -0.83 3.41
N ALA A 10 -12.61 -1.49 2.88
CA ALA A 10 -11.26 -1.30 3.40
C ALA A 10 -10.60 -0.09 2.75
N THR A 11 -9.41 0.26 3.22
CA THR A 11 -8.67 1.40 2.69
C THR A 11 -7.19 1.06 2.56
N MET A 12 -6.53 1.67 1.57
CA MET A 12 -5.12 1.42 1.34
C MET A 12 -4.33 1.60 2.64
N LYS A 13 -4.74 2.57 3.46
CA LYS A 13 -4.05 2.83 4.71
C LYS A 13 -4.19 1.63 5.65
N ASP A 14 -5.38 1.05 5.71
CA ASP A 14 -5.61 -0.10 6.59
C ASP A 14 -4.66 -1.23 6.23
N VAL A 15 -4.44 -1.42 4.94
CA VAL A 15 -3.56 -2.48 4.48
C VAL A 15 -2.14 -2.25 4.99
N ALA A 16 -1.69 -1.01 4.95
CA ALA A 16 -0.34 -0.69 5.40
C ALA A 16 -0.10 -1.30 6.79
N LEU A 17 -1.07 -1.15 7.68
CA LEU A 17 -0.95 -1.69 9.03
C LEU A 17 -0.92 -3.23 8.98
N LYS A 18 -1.74 -3.81 8.11
CA LYS A 18 -1.80 -5.27 7.99
C LYS A 18 -0.49 -5.81 7.40
N ALA A 19 0.09 -5.08 6.47
CA ALA A 19 1.35 -5.51 5.85
C ALA A 19 2.53 -4.81 6.51
N LYS A 20 2.27 -4.22 7.68
CA LYS A 20 3.31 -3.51 8.43
C LYS A 20 4.27 -2.80 7.47
N VAL A 21 3.69 -2.13 6.47
CA VAL A 21 4.50 -1.40 5.50
C VAL A 21 5.11 -0.16 6.14
N SER A 22 4.33 0.91 6.20
CA SER A 22 4.80 2.16 6.79
C SER A 22 3.84 3.30 6.46
N THR A 23 3.45 4.05 7.48
CA THR A 23 2.52 5.15 7.30
C THR A 23 3.07 6.20 6.34
N ALA A 24 4.40 6.32 6.28
CA ALA A 24 5.03 7.29 5.38
C ALA A 24 5.02 6.77 3.95
N THR A 25 5.38 5.51 3.79
CA THR A 25 5.41 4.89 2.46
C THR A 25 4.07 5.04 1.77
N VAL A 26 3.02 4.53 2.40
CA VAL A 26 1.68 4.61 1.83
C VAL A 26 1.27 6.07 1.61
N SER A 27 1.74 6.96 2.48
CA SER A 27 1.41 8.38 2.34
C SER A 27 2.13 8.99 1.15
N ARG A 28 3.38 8.56 0.95
CA ARG A 28 4.19 9.04 -0.16
C ARG A 28 3.88 8.26 -1.43
N ALA A 29 3.29 7.08 -1.26
CA ALA A 29 2.95 6.23 -2.40
C ALA A 29 2.08 7.00 -3.38
N LEU A 30 1.47 8.09 -2.92
CA LEU A 30 0.62 8.91 -3.79
C LEU A 30 1.46 9.96 -4.51
N MET A 31 2.72 10.08 -4.14
CA MET A 31 3.63 11.04 -4.75
C MET A 31 4.84 10.34 -5.35
N ASN A 32 5.35 9.35 -4.62
CA ASN A 32 6.51 8.59 -5.08
C ASN A 32 6.27 7.09 -4.88
N PRO A 33 5.52 6.48 -5.76
CA PRO A 33 5.21 5.02 -5.67
C PRO A 33 6.41 4.16 -6.06
N ASP A 34 7.54 4.39 -5.40
CA ASP A 34 8.74 3.62 -5.69
C ASP A 34 9.66 3.57 -4.46
N LYS A 35 9.08 3.74 -3.27
CA LYS A 35 9.85 3.70 -2.03
C LYS A 35 9.48 2.46 -1.22
N VAL A 36 8.69 1.57 -1.82
CA VAL A 36 8.28 0.36 -1.13
C VAL A 36 9.24 -0.78 -1.47
N SER A 37 9.51 -1.64 -0.49
CA SER A 37 10.41 -2.77 -0.70
C SER A 37 9.90 -3.63 -1.85
N GLN A 38 10.83 -4.19 -2.62
CA GLN A 38 10.45 -5.03 -3.75
C GLN A 38 9.41 -6.07 -3.31
N ALA A 39 9.70 -6.77 -2.23
CA ALA A 39 8.77 -7.78 -1.73
C ALA A 39 7.45 -7.14 -1.34
N THR A 40 7.52 -6.14 -0.48
CA THR A 40 6.34 -5.44 -0.03
C THR A 40 5.63 -4.74 -1.19
N ARG A 41 6.39 -4.42 -2.23
CA ARG A 41 5.82 -3.76 -3.40
C ARG A 41 4.88 -4.69 -4.14
N ASN A 42 5.30 -5.94 -4.29
CA ASN A 42 4.48 -6.93 -4.98
C ASN A 42 3.19 -7.20 -4.19
N ARG A 43 3.29 -7.18 -2.87
CA ARG A 43 2.11 -7.40 -2.03
C ARG A 43 1.14 -6.24 -2.17
N VAL A 44 1.65 -5.03 -2.04
CA VAL A 44 0.80 -3.84 -2.14
C VAL A 44 -0.02 -3.87 -3.42
N GLU A 45 0.66 -4.07 -4.54
CA GLU A 45 -0.04 -4.12 -5.83
C GLU A 45 -1.23 -5.08 -5.77
N LYS A 46 -0.99 -6.29 -5.27
CA LYS A 46 -2.05 -7.28 -5.16
C LYS A 46 -3.03 -6.91 -4.05
N ALA A 47 -2.50 -6.42 -2.94
CA ALA A 47 -3.32 -6.04 -1.79
C ALA A 47 -4.27 -4.89 -2.16
N ALA A 48 -3.87 -4.09 -3.14
CA ALA A 48 -4.69 -2.97 -3.58
C ALA A 48 -5.97 -3.46 -4.24
N ARG A 49 -5.84 -4.56 -4.97
CA ARG A 49 -6.99 -5.14 -5.67
C ARG A 49 -7.92 -5.84 -4.68
N GLU A 50 -7.33 -6.57 -3.73
CA GLU A 50 -8.12 -7.29 -2.73
C GLU A 50 -9.07 -6.36 -2.00
N VAL A 51 -8.58 -5.17 -1.65
CA VAL A 51 -9.41 -4.20 -0.96
C VAL A 51 -10.36 -3.53 -1.93
N GLY A 52 -10.05 -3.62 -3.21
CA GLY A 52 -10.90 -3.04 -4.25
C GLY A 52 -10.92 -1.52 -4.14
N TYR A 53 -10.02 -0.98 -3.32
CA TYR A 53 -9.93 0.45 -3.13
C TYR A 53 -9.31 1.11 -4.36
N LEU A 54 -9.68 2.36 -4.62
CA LEU A 54 -9.15 3.10 -5.77
C LEU A 54 -9.04 4.58 -5.42
N PRO A 55 -8.05 5.27 -5.91
CA PRO A 55 -7.87 6.73 -5.64
C PRO A 55 -8.92 7.58 -6.37
#